data_3S8Q
#
_entry.id   3S8Q
#
_cell.length_a   44.316
_cell.length_b   61.546
_cell.length_c   113.687
_cell.angle_alpha   90.000
_cell.angle_beta   90.000
_cell.angle_gamma   90.000
#
_symmetry.space_group_name_H-M   'P 2 21 21'
#
loop_
_entity.id
_entity.type
_entity.pdbx_description
1 polymer 'R-M CONTROLLER PROTEIN'
2 polymer "DNA (5'-D(*AP*TP*GP*TP*GP*AP*CP*TP*TP*AP*TP*AP*GP*TP*CP*CP*GP*TP*G)-3')"
3 polymer "DNA (5'-D(*TP*CP*AP*CP*GP*GP*AP*CP*TP*AP*TP*AP*AP*GP*TP*CP*AP*CP*A)-3')"
4 water water
#
loop_
_entity_poly.entity_id
_entity_poly.type
_entity_poly.pdbx_seq_one_letter_code
_entity_poly.pdbx_strand_id
1 'polypeptide(L)'
;GSHMESFLLSKVSFVIKKIRLEKGMTQEDLAYKSNLDRTYISGIERNSRNLTIKSLELIMKGLEVSDVVFFEMLIKEILK
HD
;
A,B
2 'polydeoxyribonucleotide' (DA)(DT)(DG)(DT)(DG)(DA)(DC)(DT)(DT)(DA)(DT)(DA)(DG)(DT)(DC)(DC)(DG)(DT)(DG) C
3 'polydeoxyribonucleotide' (DT)(DC)(DA)(DC)(DG)(DG)(DA)(DC)(DT)(DA)(DT)(DA)(DA)(DG)(DT)(DC)(DA)(DC)(DA) D
#
loop_
_chem_comp.id
_chem_comp.type
_chem_comp.name
_chem_comp.formula
DA DNA linking 2'-DEOXYADENOSINE-5'-MONOPHOSPHATE 'C10 H14 N5 O6 P'
DC DNA linking 2'-DEOXYCYTIDINE-5'-MONOPHOSPHATE 'C9 H14 N3 O7 P'
DG DNA linking 2'-DEOXYGUANOSINE-5'-MONOPHOSPHATE 'C10 H14 N5 O7 P'
DT DNA linking THYMIDINE-5'-MONOPHOSPHATE 'C10 H15 N2 O8 P'
#
# COMPACT_ATOMS: atom_id res chain seq x y z
N GLU A 5 -5.11 0.17 14.77
CA GLU A 5 -4.32 1.15 15.49
C GLU A 5 -3.13 1.47 14.55
N SER A 6 -3.34 1.47 13.25
CA SER A 6 -2.26 1.91 12.30
C SER A 6 -2.66 3.22 11.57
N PHE A 7 -1.77 4.23 11.61
CA PHE A 7 -2.00 5.48 10.90
C PHE A 7 -2.23 5.26 9.39
N LEU A 8 -1.28 4.63 8.74
CA LEU A 8 -1.44 4.31 7.29
C LEU A 8 -2.71 3.52 6.93
N LEU A 9 -2.93 2.41 7.63
CA LEU A 9 -4.17 1.61 7.46
C LEU A 9 -5.47 2.46 7.56
N SER A 10 -5.58 3.36 8.52
CA SER A 10 -6.83 4.15 8.67
C SER A 10 -6.99 5.11 7.49
N LYS A 11 -5.84 5.55 6.91
CA LYS A 11 -5.86 6.44 5.74
C LYS A 11 -6.24 5.67 4.47
N VAL A 12 -5.64 4.50 4.30
CA VAL A 12 -5.97 3.63 3.14
C VAL A 12 -7.48 3.27 3.20
N SER A 13 -8.00 2.83 4.35
N SER A 13 -7.96 2.85 4.38
CA SER A 13 -9.42 2.45 4.41
CA SER A 13 -9.38 2.48 4.59
C SER A 13 -10.35 3.64 4.13
C SER A 13 -10.32 3.61 4.20
N PHE A 14 -9.98 4.81 4.66
CA PHE A 14 -10.80 6.00 4.44
C PHE A 14 -10.82 6.34 2.92
N VAL A 15 -9.68 6.23 2.25
CA VAL A 15 -9.66 6.55 0.79
C VAL A 15 -10.48 5.52 -0.07
N ILE A 16 -10.40 4.26 0.27
CA ILE A 16 -11.16 3.27 -0.48
C ILE A 16 -12.67 3.65 -0.35
N LYS A 17 -13.09 4.00 0.87
CA LYS A 17 -14.51 4.21 1.04
C LYS A 17 -14.91 5.47 0.27
N LYS A 18 -14.00 6.44 0.27
CA LYS A 18 -14.34 7.78 -0.20
C LYS A 18 -14.55 7.67 -1.72
N ILE A 19 -13.64 6.93 -2.37
CA ILE A 19 -13.72 6.75 -3.81
C ILE A 19 -14.97 5.90 -4.12
N ARG A 20 -15.23 4.81 -3.38
CA ARG A 20 -16.43 3.99 -3.58
C ARG A 20 -17.72 4.80 -3.58
N LEU A 21 -17.88 5.63 -2.55
CA LEU A 21 -19.04 6.52 -2.46
C LEU A 21 -19.02 7.57 -3.55
N GLU A 22 -17.83 8.06 -3.93
CA GLU A 22 -17.74 8.97 -5.09
C GLU A 22 -18.22 8.31 -6.35
N LYS A 23 -17.86 7.07 -6.61
CA LYS A 23 -18.32 6.38 -7.82
C LYS A 23 -19.81 5.91 -7.75
N GLY A 24 -20.54 6.34 -6.72
CA GLY A 24 -21.89 5.86 -6.41
C GLY A 24 -22.02 4.34 -6.33
N MET A 25 -21.08 3.63 -5.71
CA MET A 25 -21.10 2.16 -5.69
C MET A 25 -21.43 1.67 -4.28
N THR A 26 -22.18 0.57 -4.15
CA THR A 26 -22.32 -0.13 -2.87
C THR A 26 -21.08 -1.03 -2.64
N GLN A 27 -20.84 -1.43 -1.39
CA GLN A 27 -19.83 -2.44 -1.14
C GLN A 27 -20.12 -3.71 -1.98
N GLU A 28 -21.39 -4.06 -2.17
CA GLU A 28 -21.73 -5.19 -3.01
C GLU A 28 -21.31 -4.96 -4.48
N ASP A 29 -21.44 -3.73 -5.00
CA ASP A 29 -21.02 -3.42 -6.40
C ASP A 29 -19.51 -3.60 -6.50
N LEU A 30 -18.81 -3.06 -5.50
CA LEU A 30 -17.33 -3.17 -5.39
C LEU A 30 -16.87 -4.65 -5.32
N ALA A 31 -17.48 -5.42 -4.43
CA ALA A 31 -17.34 -6.88 -4.38
C ALA A 31 -17.47 -7.49 -5.78
N TYR A 32 -18.54 -7.17 -6.50
CA TYR A 32 -18.75 -7.67 -7.85
C TYR A 32 -17.59 -7.33 -8.78
N LYS A 33 -17.19 -6.06 -8.78
CA LYS A 33 -16.20 -5.59 -9.72
C LYS A 33 -14.77 -6.05 -9.36
N SER A 34 -14.45 -6.16 -8.08
CA SER A 34 -13.11 -6.54 -7.60
CA SER A 34 -13.11 -6.55 -7.62
C SER A 34 -12.97 -8.06 -7.46
N ASN A 35 -14.10 -8.77 -7.57
CA ASN A 35 -14.19 -10.21 -7.27
C ASN A 35 -13.83 -10.56 -5.82
N LEU A 36 -14.11 -9.61 -4.91
CA LEU A 36 -13.88 -9.83 -3.47
C LEU A 36 -15.24 -9.96 -2.78
N ASP A 37 -15.27 -10.59 -1.60
CA ASP A 37 -16.49 -10.82 -0.85
C ASP A 37 -16.89 -9.46 -0.21
N ARG A 38 -18.18 -9.11 -0.25
CA ARG A 38 -18.63 -7.83 0.28
C ARG A 38 -18.36 -7.69 1.80
N THR A 39 -18.47 -8.76 2.60
CA THR A 39 -18.18 -8.62 4.01
C THR A 39 -16.69 -8.40 4.22
N TYR A 40 -15.87 -8.84 3.26
CA TYR A 40 -14.37 -8.58 3.33
C TYR A 40 -14.14 -7.06 3.12
N ILE A 41 -14.81 -6.47 2.14
N ILE A 41 -14.81 -6.50 2.11
CA ILE A 41 -14.67 -5.02 1.92
CA ILE A 41 -14.77 -5.05 1.84
C ILE A 41 -15.24 -4.20 3.07
C ILE A 41 -15.21 -4.25 3.08
N SER A 42 -16.28 -4.70 3.73
CA SER A 42 -16.84 -4.01 4.89
C SER A 42 -15.75 -3.91 5.99
N GLY A 43 -15.10 -5.04 6.27
CA GLY A 43 -14.01 -5.13 7.27
C GLY A 43 -12.88 -4.13 6.97
N ILE A 44 -12.50 -4.00 5.70
N ILE A 44 -12.51 -4.02 5.69
CA ILE A 44 -11.49 -3.01 5.31
CA ILE A 44 -11.52 -3.03 5.21
C ILE A 44 -11.89 -1.58 5.59
C ILE A 44 -11.90 -1.60 5.59
N GLU A 45 -13.13 -1.22 5.25
CA GLU A 45 -13.57 0.14 5.38
C GLU A 45 -13.74 0.44 6.86
N ARG A 46 -13.91 -0.60 7.67
CA ARG A 46 -14.12 -0.40 9.08
C ARG A 46 -12.78 -0.51 9.78
N ASN A 47 -11.69 -0.51 9.02
CA ASN A 47 -10.39 -0.54 9.67
C ASN A 47 -10.12 -1.73 10.53
N SER A 48 -10.59 -2.88 10.13
CA SER A 48 -10.36 -4.03 10.92
C SER A 48 -9.62 -5.16 10.13
N ARG A 49 -9.07 -4.84 8.95
CA ARG A 49 -8.38 -5.81 8.06
C ARG A 49 -7.07 -5.20 7.54
N ASN A 50 -5.93 -5.71 8.00
CA ASN A 50 -4.64 -5.32 7.53
C ASN A 50 -4.35 -5.88 6.09
N LEU A 51 -4.96 -5.29 5.06
CA LEU A 51 -4.92 -5.86 3.68
C LEU A 51 -3.51 -5.79 3.09
N THR A 52 -3.20 -6.79 2.25
CA THR A 52 -1.93 -6.79 1.50
C THR A 52 -2.04 -5.83 0.28
N ILE A 53 -0.89 -5.55 -0.33
N ILE A 53 -0.88 -5.55 -0.31
CA ILE A 53 -0.87 -4.71 -1.51
CA ILE A 53 -0.81 -4.72 -1.51
C ILE A 53 -1.62 -5.39 -2.68
C ILE A 53 -1.61 -5.39 -2.66
N LYS A 54 -1.51 -6.71 -2.83
CA LYS A 54 -2.35 -7.44 -3.83
C LYS A 54 -3.84 -7.20 -3.68
N SER A 55 -4.33 -7.24 -2.44
CA SER A 55 -5.75 -7.03 -2.23
C SER A 55 -6.08 -5.60 -2.56
N LEU A 56 -5.19 -4.69 -2.19
CA LEU A 56 -5.43 -3.27 -2.48
C LEU A 56 -5.53 -3.09 -4.03
N GLU A 57 -4.63 -3.73 -4.80
CA GLU A 57 -4.68 -3.71 -6.28
C GLU A 57 -6.03 -4.18 -6.82
N LEU A 58 -6.62 -5.26 -6.25
CA LEU A 58 -7.92 -5.76 -6.74
C LEU A 58 -9.00 -4.74 -6.47
N ILE A 59 -8.92 -4.15 -5.28
CA ILE A 59 -9.83 -3.06 -4.89
C ILE A 59 -9.72 -1.84 -5.83
N MET A 60 -8.50 -1.38 -6.10
CA MET A 60 -8.32 -0.22 -7.00
C MET A 60 -8.88 -0.50 -8.43
N LYS A 61 -8.68 -1.71 -8.92
CA LYS A 61 -9.17 -2.21 -10.21
C LYS A 61 -10.74 -2.25 -10.16
N GLY A 62 -11.29 -2.71 -9.02
CA GLY A 62 -12.69 -2.69 -8.76
C GLY A 62 -13.28 -1.30 -8.74
N LEU A 63 -12.60 -0.36 -8.11
CA LEU A 63 -13.05 1.01 -8.10
C LEU A 63 -12.89 1.71 -9.47
N GLU A 64 -12.22 1.03 -10.43
CA GLU A 64 -11.83 1.64 -11.69
C GLU A 64 -11.10 2.97 -11.45
N VAL A 65 -10.09 2.94 -10.58
CA VAL A 65 -9.26 4.09 -10.38
C VAL A 65 -7.81 3.69 -10.68
N SER A 66 -7.02 4.55 -11.29
CA SER A 66 -5.59 4.19 -11.52
C SER A 66 -4.84 4.18 -10.18
N ASP A 67 -3.74 3.43 -10.11
CA ASP A 67 -2.85 3.44 -8.93
C ASP A 67 -2.41 4.89 -8.57
N VAL A 68 -1.98 5.63 -9.59
CA VAL A 68 -1.54 7.01 -9.48
C VAL A 68 -2.63 7.87 -8.84
N VAL A 69 -3.85 7.84 -9.36
CA VAL A 69 -4.96 8.58 -8.73
C VAL A 69 -5.19 8.16 -7.26
N PHE A 70 -5.18 6.86 -6.98
CA PHE A 70 -5.39 6.35 -5.63
C PHE A 70 -4.29 6.92 -4.73
N PHE A 71 -3.03 6.82 -5.16
CA PHE A 71 -1.93 7.33 -4.36
C PHE A 71 -1.91 8.85 -4.10
N GLU A 72 -2.38 9.60 -5.10
CA GLU A 72 -2.47 11.04 -4.99
C GLU A 72 -3.54 11.33 -3.98
N MET A 73 -4.64 10.59 -4.01
CA MET A 73 -5.70 10.79 -3.02
C MET A 73 -5.23 10.40 -1.61
N LEU A 74 -4.48 9.31 -1.51
CA LEU A 74 -3.90 8.88 -0.23
C LEU A 74 -2.95 9.93 0.35
N ILE A 75 -2.08 10.48 -0.49
CA ILE A 75 -1.19 11.57 -0.11
C ILE A 75 -2.00 12.75 0.46
N LYS A 76 -3.04 13.19 -0.23
CA LYS A 76 -3.88 14.27 0.25
C LYS A 76 -4.55 13.99 1.61
N GLU A 77 -5.10 12.79 1.77
CA GLU A 77 -5.69 12.35 3.05
C GLU A 77 -4.59 12.30 4.16
N ILE A 78 -3.37 11.82 3.85
CA ILE A 78 -2.28 11.86 4.83
C ILE A 78 -1.93 13.31 5.25
N LEU A 79 -2.06 14.26 4.31
CA LEU A 79 -1.64 15.64 4.61
C LEU A 79 -2.68 16.42 5.42
N LYS A 80 -3.95 15.97 5.40
CA LYS A 80 -5.11 16.63 6.07
C LYS A 80 -5.01 16.53 7.57
N SER B 6 2.29 -9.43 -10.25
CA SER B 6 1.86 -8.09 -9.71
C SER B 6 2.80 -6.92 -10.01
N PHE B 7 2.18 -5.95 -10.71
CA PHE B 7 2.74 -4.66 -11.17
C PHE B 7 3.13 -3.77 -10.00
N LEU B 8 2.18 -3.51 -9.08
CA LEU B 8 2.45 -2.57 -8.02
C LEU B 8 3.57 -3.08 -7.05
N LEU B 9 3.54 -4.38 -6.70
CA LEU B 9 4.54 -4.97 -5.78
C LEU B 9 6.00 -4.78 -6.23
N SER B 10 6.27 -4.98 -7.53
CA SER B 10 7.62 -4.74 -8.05
C SER B 10 8.01 -3.26 -7.98
N LYS B 11 7.06 -2.34 -8.10
CA LYS B 11 7.35 -0.89 -7.96
C LYS B 11 7.63 -0.56 -6.46
N VAL B 12 6.80 -1.08 -5.55
CA VAL B 12 6.99 -0.85 -4.08
C VAL B 12 8.38 -1.37 -3.71
N SER B 13 8.70 -2.58 -4.15
CA SER B 13 9.96 -3.13 -3.75
C SER B 13 11.17 -2.48 -4.38
N PHE B 14 11.05 -1.99 -5.63
CA PHE B 14 12.09 -1.12 -6.21
C PHE B 14 12.31 0.15 -5.38
N VAL B 15 11.23 0.84 -4.99
CA VAL B 15 11.37 2.07 -4.21
C VAL B 15 12.03 1.77 -2.80
N ILE B 16 11.66 0.67 -2.17
CA ILE B 16 12.25 0.28 -0.87
C ILE B 16 13.75 0.14 -0.97
N LYS B 17 14.23 -0.64 -1.94
CA LYS B 17 15.62 -0.88 -2.11
C LYS B 17 16.34 0.42 -2.52
N LYS B 18 15.72 1.20 -3.41
CA LYS B 18 16.31 2.50 -3.78
C LYS B 18 16.58 3.38 -2.52
N ILE B 19 15.56 3.60 -1.71
CA ILE B 19 15.74 4.44 -0.55
C ILE B 19 16.79 3.83 0.40
N ARG B 20 16.75 2.52 0.59
CA ARG B 20 17.66 1.87 1.54
C ARG B 20 19.12 2.16 1.15
N LEU B 21 19.41 1.97 -0.15
CA LEU B 21 20.76 2.20 -0.70
C LEU B 21 21.13 3.66 -0.58
N GLU B 22 20.16 4.56 -0.81
CA GLU B 22 20.47 6.00 -0.74
C GLU B 22 20.85 6.37 0.64
N LYS B 23 20.20 5.74 1.62
CA LYS B 23 20.56 5.94 3.00
C LYS B 23 21.77 5.14 3.48
N GLY B 24 22.46 4.38 2.61
CA GLY B 24 23.58 3.59 3.06
C GLY B 24 23.20 2.58 4.16
N MET B 25 21.96 2.09 4.16
CA MET B 25 21.56 1.03 5.14
C MET B 25 21.76 -0.37 4.55
N THR B 26 22.20 -1.29 5.41
CA THR B 26 22.15 -2.71 5.08
C THR B 26 20.71 -3.21 5.27
N GLN B 27 20.47 -4.37 4.71
CA GLN B 27 19.21 -5.07 4.90
C GLN B 27 18.94 -5.40 6.38
N GLU B 28 19.99 -5.64 7.16
CA GLU B 28 19.86 -5.93 8.59
C GLU B 28 19.52 -4.63 9.34
N ASP B 29 20.21 -3.51 9.04
CA ASP B 29 19.84 -2.19 9.57
C ASP B 29 18.31 -1.97 9.38
N LEU B 30 17.81 -2.26 8.18
CA LEU B 30 16.42 -1.97 7.82
C LEU B 30 15.49 -2.89 8.53
N ALA B 31 15.85 -4.18 8.58
CA ALA B 31 15.09 -5.20 9.35
C ALA B 31 14.90 -4.77 10.81
N TYR B 32 16.03 -4.45 11.45
CA TYR B 32 16.06 -3.97 12.85
C TYR B 32 15.18 -2.71 13.07
N LYS B 33 15.33 -1.67 12.23
CA LYS B 33 14.52 -0.47 12.41
C LYS B 33 13.07 -0.68 11.96
N SER B 34 12.79 -1.73 11.19
CA SER B 34 11.39 -2.04 10.74
C SER B 34 10.69 -3.06 11.62
N ASN B 35 11.41 -3.61 12.59
CA ASN B 35 10.89 -4.73 13.37
CA ASN B 35 10.90 -4.74 13.37
C ASN B 35 10.44 -5.89 12.45
N LEU B 36 11.26 -6.18 11.43
CA LEU B 36 11.03 -7.29 10.52
C LEU B 36 12.29 -8.12 10.36
N ASP B 37 12.16 -9.31 9.77
CA ASP B 37 13.29 -10.24 9.74
C ASP B 37 14.18 -9.89 8.52
N ARG B 38 15.50 -10.07 8.67
CA ARG B 38 16.43 -9.76 7.57
C ARG B 38 16.06 -10.51 6.29
N THR B 39 15.62 -11.75 6.41
CA THR B 39 15.31 -12.52 5.22
C THR B 39 14.02 -12.01 4.61
N TYR B 40 13.13 -11.41 5.38
CA TYR B 40 11.93 -10.81 4.81
C TYR B 40 12.26 -9.56 4.01
N ILE B 41 13.15 -8.71 4.52
CA ILE B 41 13.68 -7.57 3.75
C ILE B 41 14.31 -8.07 2.41
N SER B 42 15.12 -9.11 2.44
CA SER B 42 15.70 -9.69 1.21
C SER B 42 14.60 -10.19 0.26
N GLY B 43 13.62 -10.91 0.81
CA GLY B 43 12.53 -11.48 0.02
C GLY B 43 11.79 -10.34 -0.69
N ILE B 44 11.49 -9.26 0.05
CA ILE B 44 10.78 -8.10 -0.49
C ILE B 44 11.58 -7.55 -1.70
N GLU B 45 12.88 -7.31 -1.50
CA GLU B 45 13.69 -6.68 -2.50
C GLU B 45 13.92 -7.55 -3.71
N ARG B 46 14.09 -8.85 -3.52
CA ARG B 46 14.42 -9.70 -4.67
C ARG B 46 13.16 -10.24 -5.32
N ASN B 47 12.17 -10.56 -4.53
CA ASN B 47 11.06 -11.30 -5.04
C ASN B 47 9.75 -10.50 -4.99
N SER B 48 9.85 -9.21 -4.72
CA SER B 48 8.64 -8.34 -4.55
C SER B 48 7.50 -9.03 -3.80
N ARG B 49 7.80 -9.49 -2.58
CA ARG B 49 6.84 -10.18 -1.65
C ARG B 49 5.59 -9.30 -1.42
N ASN B 50 4.43 -9.93 -1.23
CA ASN B 50 3.16 -9.20 -1.02
C ASN B 50 2.99 -8.68 0.41
N LEU B 51 3.62 -7.56 0.69
CA LEU B 51 3.55 -6.81 1.99
C LEU B 51 2.12 -6.48 2.40
N THR B 52 1.87 -6.43 3.72
CA THR B 52 0.65 -5.79 4.16
C THR B 52 0.85 -4.26 4.30
N ILE B 53 -0.27 -3.53 4.35
CA ILE B 53 -0.20 -2.06 4.69
C ILE B 53 0.59 -1.84 5.99
N LYS B 54 0.33 -2.65 7.02
CA LYS B 54 1.07 -2.45 8.24
C LYS B 54 2.57 -2.71 8.09
N SER B 55 3.00 -3.72 7.35
CA SER B 55 4.43 -3.94 7.19
CA SER B 55 4.43 -3.94 7.21
C SER B 55 5.06 -2.88 6.30
N LEU B 56 4.32 -2.40 5.32
CA LEU B 56 4.83 -1.28 4.51
C LEU B 56 5.07 -0.03 5.42
N GLU B 57 4.10 0.27 6.27
CA GLU B 57 4.24 1.35 7.22
C GLU B 57 5.49 1.17 8.14
N LEU B 58 5.74 -0.03 8.65
CA LEU B 58 6.96 -0.34 9.40
C LEU B 58 8.24 -0.08 8.66
N ILE B 59 8.26 -0.52 7.39
CA ILE B 59 9.38 -0.28 6.53
C ILE B 59 9.68 1.23 6.19
N MET B 60 8.65 1.99 5.85
CA MET B 60 8.78 3.42 5.62
C MET B 60 9.31 4.08 6.87
N LYS B 61 8.84 3.63 8.06
CA LYS B 61 9.38 4.08 9.32
C LYS B 61 10.87 3.66 9.48
N GLY B 62 11.21 2.42 9.09
CA GLY B 62 12.60 1.97 9.24
C GLY B 62 13.52 2.74 8.30
N LEU B 63 13.02 3.09 7.12
CA LEU B 63 13.79 3.91 6.16
C LEU B 63 13.86 5.39 6.60
N GLU B 64 13.09 5.79 7.63
CA GLU B 64 13.01 7.18 8.04
C GLU B 64 12.66 8.08 6.85
N VAL B 65 11.67 7.70 6.06
CA VAL B 65 11.10 8.56 5.02
C VAL B 65 9.64 8.84 5.41
N SER B 66 9.10 10.02 5.14
CA SER B 66 7.66 10.23 5.34
C SER B 66 6.86 9.34 4.40
N ASP B 67 5.62 9.07 4.76
CA ASP B 67 4.73 8.28 3.87
C ASP B 67 4.57 9.05 2.55
N VAL B 68 4.42 10.35 2.66
CA VAL B 68 4.19 11.16 1.45
C VAL B 68 5.37 11.03 0.49
N VAL B 69 6.59 11.15 1.00
CA VAL B 69 7.73 11.07 0.11
C VAL B 69 7.78 9.68 -0.55
N PHE B 70 7.57 8.63 0.24
CA PHE B 70 7.56 7.27 -0.31
C PHE B 70 6.52 7.13 -1.43
N PHE B 71 5.29 7.61 -1.18
CA PHE B 71 4.24 7.51 -2.19
C PHE B 71 4.48 8.38 -3.41
N GLU B 72 5.12 9.54 -3.23
CA GLU B 72 5.55 10.32 -4.41
C GLU B 72 6.60 9.60 -5.25
N MET B 73 7.53 8.91 -4.58
CA MET B 73 8.56 8.17 -5.36
C MET B 73 7.87 6.99 -6.08
N LEU B 74 6.91 6.33 -5.39
CA LEU B 74 6.13 5.21 -5.99
C LEU B 74 5.42 5.66 -7.25
N ILE B 75 4.71 6.79 -7.14
CA ILE B 75 4.02 7.41 -8.28
C ILE B 75 5.02 7.66 -9.43
N LYS B 76 6.19 8.22 -9.10
CA LYS B 76 7.24 8.40 -10.13
C LYS B 76 7.59 7.11 -10.87
N GLU B 77 7.78 6.04 -10.08
CA GLU B 77 8.17 4.72 -10.59
C GLU B 77 7.00 4.12 -11.42
N ILE B 78 5.76 4.35 -10.98
CA ILE B 78 4.60 3.92 -11.73
C ILE B 78 4.54 4.66 -13.09
N LEU B 79 4.82 5.98 -13.10
CA LEU B 79 4.74 6.76 -14.35
C LEU B 79 5.95 6.62 -15.28
N LYS B 80 7.01 5.94 -14.85
CA LYS B 80 8.16 5.73 -15.69
C LYS B 80 7.73 4.92 -16.88
N HIS B 81 8.18 5.27 -18.07
CA HIS B 81 7.63 4.64 -19.26
C HIS B 81 8.69 4.43 -20.39
N ASP B 82 8.38 3.55 -21.37
CA ASP B 82 9.34 2.92 -22.34
C ASP B 82 10.53 2.10 -21.83
#